data_5V3I
#
_entry.id   5V3I
#
_cell.length_a   104.306
_cell.length_b   104.306
_cell.length_c   211.906
_cell.angle_alpha   90.00
_cell.angle_beta   90.00
_cell.angle_gamma   90.00
#
_symmetry.space_group_name_H-M   'P 43 21 2'
#
loop_
_entity.id
_entity.type
_entity.pdbx_description
1 polymer 'VS Ribozyme RNA'
2 water water
#
_entity_poly.entity_id   1
_entity_poly.type   'polyribonucleotide'
_entity_poly.pdbx_seq_one_letter_code
;GGCGCUGUGUCGCAAUCUGCGAAGGGCGUCGUCGCCCCAAGCGGUAGUAAGCAGGGAACUCACCUCCAAUGAAACACAUU
GUCGUAGCAGUUGACUACUGUUAUGUGAUUGGUAGAGGCUAAGUGACGGUAUUGGCGUAAGCCAAUACCGCAGCACAGCA
CAAGCCCGCUUGCGAGAUUACAGCGC
;
_entity_poly.pdbx_strand_id   A
#